data_7SNJ
#
_entry.id   7SNJ
#
_cell.length_a   154.860
_cell.length_b   154.860
_cell.length_c   46.320
_cell.angle_alpha   90.00
_cell.angle_beta   90.00
_cell.angle_gamma   120.00
#
_symmetry.space_group_name_H-M   'P 62'
#
loop_
_entity.id
_entity.type
_entity.pdbx_description
1 polymer Arylsulfatase
2 non-polymer 1,2-ETHANEDIOL
3 non-polymer 1-ETHOXY-2-(2-ETHOXYETHOXY)ETHANE
4 non-polymer 'TETRAETHYLENE GLYCOL'
5 non-polymer DI(HYDROXYETHYL)ETHER
6 non-polymer 'CITRIC ACID'
7 non-polymer 'SODIUM ION'
8 water water
#
_entity_poly.entity_id   1
_entity_poly.type   'polypeptide(L)'
_entity_poly.pdbx_seq_one_letter_code
;MKTNLKNNIMKGMAVMPFLSVCVGVAAQQKQMNVIYIMSDDHTSQAIGAYGSRLAVLNPTPTIDELARDGMLFENCFCTN
SISTPSRACIMTGQYSHRNKVLTLDEVLQPDQEYLVDEFHNMGYQTAMIGKWHLGCEPSHFDYYSVFNGHGGQGEYFDPT
FLTSDVTDKKWPNNQIKKMGYSSDIVTNLAIDWLKNRRDKSKPFFMMHHYKAPHDMFEYAPRYEYYLDDVEVPVPLSLFD
TDKWGSEGTRGKNDSLRHFIGTSVSSRHEIRNYVMEYKCNTGDEMENTYLAYQHYLKSYLRCVKGVDDNLKRLFDYLKKE
GLWENTIIVYTGDQGMMLGEHDLQDKRWMYEESQRMPFIVRDPRCPYKGAKSDLMINNIDFAPTLIEMVGGKEPSYMDGK
SFASVFEGKKPENWKDAVYYRYWMHMIHHDVPAHIGIRTENYKLILFYGRHYDDKRYGQKSMSWLKNSHKIVPTLVSFEL
YDVKNDPYEMVNLADNPKYAKVLKDMKKKLRELRKQVGDTDEAYPELKKVIDKALR
;
_entity_poly.pdbx_strand_id   A
#
# COMPACT_ATOMS: atom_id res chain seq x y z
N GLN A 31 16.17 -26.08 -2.28
CA GLN A 31 15.00 -25.21 -2.29
C GLN A 31 15.38 -23.80 -1.82
N MET A 32 14.78 -22.78 -2.43
CA MET A 32 15.09 -21.40 -2.09
C MET A 32 14.29 -20.94 -0.88
N ASN A 33 14.96 -20.28 0.05
CA ASN A 33 14.25 -19.60 1.12
C ASN A 33 13.63 -18.33 0.58
N VAL A 34 12.64 -17.80 1.30
CA VAL A 34 11.95 -16.58 0.91
C VAL A 34 11.78 -15.69 2.13
N ILE A 35 12.19 -14.43 2.01
CA ILE A 35 11.86 -13.41 2.99
C ILE A 35 11.10 -12.32 2.26
N TYR A 36 9.83 -12.16 2.62
CA TYR A 36 8.95 -11.15 2.03
C TYR A 36 8.90 -9.98 3.00
N ILE A 37 9.49 -8.85 2.61
CA ILE A 37 9.63 -7.68 3.48
C ILE A 37 8.66 -6.61 3.00
N MET A 38 7.81 -6.15 3.89
CA MET A 38 6.79 -5.16 3.52
C MET A 38 6.71 -4.10 4.61
N SER A 39 6.81 -2.83 4.21
CA SER A 39 6.70 -1.73 5.15
C SER A 39 5.34 -1.05 4.99
N ASP A 40 4.83 -0.55 6.11
CA ASP A 40 3.48 0.02 6.18
C ASP A 40 3.48 1.43 5.61
N ASP A 41 2.72 1.65 4.55
CA ASP A 41 2.63 2.96 3.89
C ASP A 41 3.97 3.46 3.39
N HIS A 42 4.90 2.58 2.99
CA HIS A 42 6.14 3.05 2.37
C HIS A 42 5.87 3.22 0.89
N THR A 43 5.80 4.48 0.43
CA THR A 43 5.36 4.80 -0.92
C THR A 43 6.55 4.97 -1.85
N SER A 44 6.28 4.82 -3.15
CA SER A 44 7.36 4.77 -4.14
C SER A 44 8.11 6.09 -4.27
N GLN A 45 7.48 7.22 -3.97
CA GLN A 45 8.22 8.48 -4.00
C GLN A 45 9.41 8.44 -3.03
N ALA A 46 9.30 7.66 -1.96
CA ALA A 46 10.26 7.69 -0.86
C ALA A 46 11.25 6.54 -0.94
N ILE A 47 11.48 6.02 -2.13
CA ILE A 47 12.56 5.07 -2.41
C ILE A 47 13.43 5.70 -3.50
N GLY A 48 14.72 5.83 -3.20
CA GLY A 48 15.61 6.51 -4.14
C GLY A 48 15.58 5.91 -5.53
N ALA A 49 15.56 4.58 -5.60
CA ALA A 49 15.61 3.90 -6.89
C ALA A 49 14.44 4.25 -7.81
N TYR A 50 13.34 4.79 -7.29
CA TYR A 50 12.20 5.13 -8.14
C TYR A 50 12.29 6.54 -8.72
N GLY A 51 13.28 7.33 -8.34
CA GLY A 51 13.61 8.56 -9.05
C GLY A 51 12.61 9.68 -8.95
N SER A 52 11.87 9.77 -7.85
CA SER A 52 10.93 10.86 -7.64
C SER A 52 11.70 12.14 -7.25
N ARG A 53 10.95 13.22 -7.04
CA ARG A 53 11.56 14.47 -6.58
C ARG A 53 12.38 14.27 -5.31
N LEU A 54 12.02 13.26 -4.50
CA LEU A 54 12.71 13.00 -3.25
C LEU A 54 14.02 12.23 -3.42
N ALA A 55 14.28 11.66 -4.59
CA ALA A 55 15.47 10.82 -4.75
C ALA A 55 16.75 11.60 -4.45
N VAL A 56 16.76 12.90 -4.72
CA VAL A 56 17.96 13.70 -4.47
C VAL A 56 18.37 13.66 -3.01
N LEU A 57 17.44 13.30 -2.11
CA LEU A 57 17.77 13.22 -0.68
C LEU A 57 18.43 11.90 -0.29
N ASN A 58 18.53 10.96 -1.22
CA ASN A 58 19.10 9.65 -0.92
C ASN A 58 18.38 9.01 0.26
N PRO A 59 17.07 8.83 0.17
CA PRO A 59 16.30 8.38 1.36
C PRO A 59 16.48 6.90 1.71
N THR A 60 16.92 6.04 0.80
CA THR A 60 16.92 4.59 1.02
C THR A 60 18.13 3.96 0.36
N PRO A 61 19.35 4.26 0.85
CA PRO A 61 20.54 3.69 0.19
C PRO A 61 20.58 2.17 0.20
N THR A 62 20.11 1.52 1.28
CA THR A 62 20.17 0.07 1.34
C THR A 62 19.18 -0.55 0.36
N ILE A 63 17.94 -0.06 0.36
CA ILE A 63 16.97 -0.54 -0.61
C ILE A 63 17.46 -0.29 -2.03
N ASP A 64 18.06 0.88 -2.29
CA ASP A 64 18.61 1.16 -3.60
C ASP A 64 19.65 0.14 -4.00
N GLU A 65 20.56 -0.21 -3.06
CA GLU A 65 21.56 -1.23 -3.37
C GLU A 65 20.90 -2.57 -3.64
N LEU A 66 19.83 -2.89 -2.92
CA LEU A 66 19.13 -4.15 -3.21
C LEU A 66 18.62 -4.16 -4.65
N ALA A 67 18.04 -3.05 -5.10
CA ALA A 67 17.53 -2.98 -6.47
C ALA A 67 18.66 -3.10 -7.48
N ARG A 68 19.83 -2.53 -7.17
CA ARG A 68 20.95 -2.63 -8.10
C ARG A 68 21.44 -4.06 -8.25
N ASP A 69 21.08 -4.94 -7.31
CA ASP A 69 21.43 -6.36 -7.38
C ASP A 69 20.18 -7.22 -7.54
N GLY A 70 19.08 -6.63 -7.99
CA GLY A 70 17.83 -7.34 -8.16
C GLY A 70 17.07 -6.74 -9.31
N MET A 71 15.75 -6.80 -9.22
CA MET A 71 14.92 -6.31 -10.32
C MET A 71 13.83 -5.45 -9.71
N LEU A 72 13.65 -4.26 -10.29
CA LEU A 72 12.72 -3.27 -9.79
C LEU A 72 11.53 -3.23 -10.74
N PHE A 73 10.32 -3.24 -10.18
CA PHE A 73 9.10 -3.26 -10.98
C PHE A 73 8.50 -1.85 -10.99
N GLU A 74 8.41 -1.27 -12.18
CA GLU A 74 7.96 0.11 -12.35
C GLU A 74 6.44 0.26 -12.27
N ASN A 75 5.68 -0.80 -12.55
CA ASN A 75 4.24 -0.70 -12.70
C ASN A 75 3.52 -1.73 -11.84
N CYS A 76 3.81 -1.70 -10.53
CA CYS A 76 3.15 -2.55 -9.55
C CYS A 76 2.07 -1.74 -8.83
N PHE A 77 0.84 -2.24 -8.85
CA PHE A 77 -0.28 -1.46 -8.33
C PHE A 77 -1.07 -2.25 -7.31
N CYS A 78 -1.41 -1.58 -6.22
CA CYS A 78 -2.42 -2.06 -5.31
C CYS A 78 -3.79 -2.03 -6.00
N THR A 79 -4.68 -2.95 -5.62
CA THR A 79 -6.04 -2.97 -6.16
C THR A 79 -7.04 -2.26 -5.28
N ASN A 80 -6.62 -1.76 -4.12
CA ASN A 80 -7.52 -1.22 -3.11
C ASN A 80 -6.63 -0.70 -2.00
N SER A 81 -6.35 0.61 -1.99
CA SER A 81 -5.23 1.13 -1.21
C SER A 81 -5.65 1.54 0.21
N ILE A 82 -5.79 0.52 1.06
CA ILE A 82 -5.72 0.67 2.51
C ILE A 82 -5.10 -0.59 3.07
N SER A 83 -4.62 -0.51 4.31
CA SER A 83 -3.73 -1.53 4.85
C SER A 83 -4.37 -2.92 4.82
N THR A 84 -5.49 -3.08 5.52
CA THR A 84 -6.08 -4.41 5.65
C THR A 84 -6.52 -5.00 4.31
N PRO A 85 -7.21 -4.27 3.45
CA PRO A 85 -7.58 -4.87 2.14
C PRO A 85 -6.38 -5.29 1.31
N SER A 86 -5.32 -4.49 1.32
CA SER A 86 -4.14 -4.84 0.54
C SER A 86 -3.45 -6.07 1.12
N ARG A 87 -3.31 -6.13 2.43
CA ARG A 87 -2.69 -7.28 3.07
C ARG A 87 -3.51 -8.55 2.87
N ALA A 88 -4.84 -8.42 2.77
CA ALA A 88 -5.68 -9.57 2.45
C ALA A 88 -5.52 -9.99 1.00
N CYS A 89 -5.46 -9.03 0.07
CA CYS A 89 -5.15 -9.36 -1.32
C CYS A 89 -3.82 -10.09 -1.43
N ILE A 90 -2.81 -9.63 -0.71
CA ILE A 90 -1.49 -10.28 -0.77
C ILE A 90 -1.56 -11.70 -0.23
N MET A 91 -2.24 -11.90 0.91
CA MET A 91 -2.30 -13.22 1.52
C MET A 91 -3.17 -14.20 0.73
N THR A 92 -4.22 -13.72 0.07
CA THR A 92 -5.15 -14.62 -0.61
C THR A 92 -4.91 -14.72 -2.12
N GLY A 93 -4.15 -13.82 -2.72
CA GLY A 93 -4.11 -13.78 -4.17
C GLY A 93 -5.43 -13.45 -4.83
N GLN A 94 -6.37 -12.86 -4.09
CA GLN A 94 -7.72 -12.62 -4.57
C GLN A 94 -8.10 -11.16 -4.39
N TYR A 95 -8.91 -10.66 -5.32
CA TYR A 95 -9.45 -9.32 -5.20
C TYR A 95 -10.30 -9.18 -3.93
N SER A 96 -10.45 -7.94 -3.47
CA SER A 96 -11.27 -7.67 -2.28
C SER A 96 -12.68 -8.21 -2.40
N HIS A 97 -13.29 -8.06 -3.59
CA HIS A 97 -14.67 -8.53 -3.73
C HIS A 97 -14.77 -10.04 -3.67
N ARG A 98 -13.67 -10.77 -3.85
CA ARG A 98 -13.65 -12.22 -3.68
C ARG A 98 -13.28 -12.64 -2.25
N ASN A 99 -12.22 -12.07 -1.69
CA ASN A 99 -11.83 -12.45 -0.32
C ASN A 99 -12.70 -11.79 0.74
N LYS A 100 -13.48 -10.78 0.37
CA LYS A 100 -14.53 -10.14 1.16
C LYS A 100 -13.96 -9.13 2.15
N VAL A 101 -12.64 -8.90 2.15
CA VAL A 101 -12.04 -7.89 3.05
C VAL A 101 -12.05 -6.59 2.26
N LEU A 102 -13.21 -5.93 2.26
CA LEU A 102 -13.43 -4.76 1.40
C LEU A 102 -12.73 -3.53 1.92
N THR A 103 -12.69 -3.35 3.23
CA THR A 103 -12.23 -2.10 3.86
C THR A 103 -11.52 -2.46 5.15
N LEU A 104 -11.14 -1.43 5.90
CA LEU A 104 -10.56 -1.62 7.23
C LEU A 104 -11.57 -2.17 8.22
N ASP A 105 -12.87 -2.20 7.86
CA ASP A 105 -13.92 -2.63 8.76
C ASP A 105 -14.10 -4.16 8.75
N GLU A 106 -13.47 -4.85 7.81
CA GLU A 106 -13.58 -6.29 7.69
C GLU A 106 -12.28 -6.95 8.15
N VAL A 107 -12.35 -8.26 8.42
CA VAL A 107 -11.19 -8.99 8.88
C VAL A 107 -11.03 -10.25 8.03
N LEU A 108 -9.79 -10.72 7.94
CA LEU A 108 -9.54 -12.01 7.32
C LEU A 108 -9.91 -13.13 8.29
N GLN A 109 -10.22 -14.30 7.71
CA GLN A 109 -10.43 -15.55 8.42
C GLN A 109 -9.14 -16.36 8.40
N PRO A 110 -8.79 -17.06 9.49
CA PRO A 110 -7.56 -17.87 9.46
C PRO A 110 -7.54 -18.84 8.28
N ASP A 111 -8.69 -19.44 7.96
CA ASP A 111 -8.86 -20.32 6.81
C ASP A 111 -8.42 -19.68 5.49
N GLN A 112 -8.29 -18.35 5.44
CA GLN A 112 -7.93 -17.66 4.21
C GLN A 112 -6.44 -17.40 4.09
N GLU A 113 -5.62 -18.02 4.93
CA GLU A 113 -4.19 -17.73 4.93
C GLU A 113 -3.50 -18.58 3.86
N TYR A 114 -3.90 -18.34 2.61
CA TYR A 114 -3.56 -19.25 1.51
C TYR A 114 -2.06 -19.23 1.19
N LEU A 115 -1.47 -18.04 1.12
CA LEU A 115 -0.05 -17.94 0.79
C LEU A 115 0.79 -18.78 1.74
N VAL A 116 0.47 -18.75 3.04
CA VAL A 116 1.31 -19.50 3.95
C VAL A 116 0.94 -20.99 3.91
N ASP A 117 -0.34 -21.33 3.69
CA ASP A 117 -0.71 -22.73 3.47
C ASP A 117 0.08 -23.34 2.31
N GLU A 118 0.21 -22.60 1.22
CA GLU A 118 0.89 -23.13 0.04
C GLU A 118 2.36 -23.38 0.33
N PHE A 119 3.00 -22.49 1.11
CA PHE A 119 4.39 -22.72 1.44
C PHE A 119 4.54 -23.86 2.43
N HIS A 120 3.62 -23.99 3.38
CA HIS A 120 3.59 -25.17 4.24
C HIS A 120 3.50 -26.46 3.41
N ASN A 121 2.55 -26.52 2.49
CA ASN A 121 2.36 -27.72 1.67
C ASN A 121 3.59 -28.04 0.83
N MET A 122 4.46 -27.07 0.59
CA MET A 122 5.68 -27.31 -0.15
C MET A 122 6.84 -27.72 0.77
N GLY A 123 6.56 -27.90 2.07
CA GLY A 123 7.57 -28.36 3.00
C GLY A 123 8.36 -27.26 3.68
N TYR A 124 7.91 -26.00 3.59
CA TYR A 124 8.62 -24.89 4.23
C TYR A 124 8.21 -24.74 5.68
N GLN A 125 9.16 -24.30 6.53
CA GLN A 125 8.81 -23.75 7.83
C GLN A 125 8.48 -22.28 7.63
N THR A 126 7.52 -21.77 8.37
CA THR A 126 6.99 -20.45 8.08
C THR A 126 7.01 -19.58 9.33
N ALA A 127 7.24 -18.28 9.11
CA ALA A 127 7.34 -17.31 10.19
C ALA A 127 6.69 -16.01 9.77
N MET A 128 5.92 -15.41 10.68
CA MET A 128 5.29 -14.11 10.51
C MET A 128 5.85 -13.16 11.57
N ILE A 129 6.47 -12.06 11.13
CA ILE A 129 7.14 -11.11 12.03
C ILE A 129 6.61 -9.71 11.76
N GLY A 130 6.15 -9.03 12.81
CA GLY A 130 5.86 -7.61 12.69
C GLY A 130 4.40 -7.20 12.49
N LYS A 131 4.16 -6.25 11.59
CA LYS A 131 2.82 -5.71 11.42
C LYS A 131 1.94 -6.69 10.63
N TRP A 132 0.90 -7.19 11.28
CA TRP A 132 -0.03 -8.16 10.70
C TRP A 132 -1.28 -7.47 10.17
N HIS A 133 -2.09 -6.96 11.09
CA HIS A 133 -3.20 -6.08 10.73
C HIS A 133 -4.23 -6.78 9.85
N LEU A 134 -4.42 -8.08 10.05
CA LEU A 134 -5.43 -8.80 9.30
C LEU A 134 -6.61 -9.21 10.17
N GLY A 135 -6.54 -8.96 11.47
CA GLY A 135 -7.68 -9.18 12.33
C GLY A 135 -7.66 -10.51 13.06
N CYS A 136 -7.30 -11.57 12.34
CA CYS A 136 -7.32 -12.91 12.89
C CYS A 136 -5.93 -13.33 13.34
N GLU A 137 -5.86 -14.51 13.95
CA GLU A 137 -4.59 -15.03 14.39
C GLU A 137 -3.80 -15.53 13.18
N PRO A 138 -2.50 -15.30 13.14
CA PRO A 138 -1.65 -15.92 12.11
C PRO A 138 -1.38 -17.40 12.42
N SER A 139 -2.45 -18.16 12.66
CA SER A 139 -2.32 -19.51 13.18
C SER A 139 -1.79 -20.49 12.15
N HIS A 140 -1.87 -20.18 10.87
CA HIS A 140 -1.32 -21.08 9.86
C HIS A 140 0.19 -20.95 9.72
N PHE A 141 0.82 -20.04 10.47
CA PHE A 141 2.28 -19.94 10.51
C PHE A 141 2.83 -20.85 11.59
N ASP A 142 4.06 -21.34 11.37
CA ASP A 142 4.73 -22.13 12.41
C ASP A 142 5.16 -21.26 13.57
N TYR A 143 5.49 -19.99 13.30
CA TYR A 143 5.92 -19.03 14.29
C TYR A 143 5.35 -17.68 13.93
N TYR A 144 4.86 -16.95 14.93
CA TYR A 144 4.53 -15.55 14.67
C TYR A 144 4.86 -14.70 15.89
N SER A 145 5.20 -13.44 15.61
CA SER A 145 5.38 -12.44 16.64
C SER A 145 4.97 -11.12 15.97
N VAL A 146 3.77 -10.63 16.30
CA VAL A 146 3.16 -9.54 15.55
C VAL A 146 2.65 -8.47 16.51
N PHE A 147 2.77 -7.20 16.10
CA PHE A 147 2.27 -6.08 16.89
C PHE A 147 0.84 -6.33 17.34
N ASN A 148 0.50 -5.85 18.54
CA ASN A 148 -0.89 -5.89 19.00
C ASN A 148 -1.40 -4.56 19.52
N GLY A 149 -0.54 -3.62 19.88
CA GLY A 149 -0.98 -2.34 20.39
C GLY A 149 -1.94 -1.62 19.46
N HIS A 150 -3.03 -1.10 20.00
CA HIS A 150 -4.00 -0.34 19.21
C HIS A 150 -4.62 -1.20 18.12
N GLY A 151 -5.00 -2.43 18.48
CA GLY A 151 -5.76 -3.29 17.58
C GLY A 151 -5.00 -3.85 16.41
N GLY A 152 -3.69 -4.05 16.55
CA GLY A 152 -2.87 -4.51 15.45
C GLY A 152 -2.08 -3.42 14.75
N GLN A 153 -2.20 -2.17 15.20
CA GLN A 153 -1.46 -1.06 14.61
C GLN A 153 -0.04 -0.94 15.17
N GLY A 154 0.18 -1.41 16.40
CA GLY A 154 1.50 -1.38 17.00
C GLY A 154 1.90 -0.01 17.51
N GLU A 155 2.91 -0.01 18.39
CA GLU A 155 3.46 1.21 18.97
C GLU A 155 4.91 1.38 18.56
N TYR A 156 5.29 2.63 18.32
CA TYR A 156 6.65 2.91 17.86
C TYR A 156 7.67 2.71 18.98
N PHE A 157 7.27 2.83 20.24
CA PHE A 157 8.20 2.74 21.36
C PHE A 157 7.72 1.68 22.34
N ASP A 158 8.61 0.78 22.72
CA ASP A 158 8.33 -0.28 23.68
C ASP A 158 7.11 -1.13 23.27
N PRO A 159 7.05 -1.59 22.02
CA PRO A 159 5.86 -2.31 21.55
C PRO A 159 5.67 -3.63 22.24
N THR A 160 4.40 -4.01 22.40
CA THR A 160 4.05 -5.36 22.81
C THR A 160 3.73 -6.19 21.58
N PHE A 161 3.96 -7.49 21.68
CA PHE A 161 3.69 -8.41 20.58
C PHE A 161 2.89 -9.60 21.07
N LEU A 162 2.03 -10.10 20.19
CA LEU A 162 1.40 -11.40 20.36
C LEU A 162 2.26 -12.44 19.65
N THR A 163 2.63 -13.50 20.36
CA THR A 163 3.57 -14.47 19.80
C THR A 163 3.10 -15.87 20.11
N SER A 164 3.34 -16.78 19.16
CA SER A 164 3.03 -18.19 19.37
C SER A 164 3.89 -18.84 20.44
N ASP A 165 4.83 -18.10 21.02
CA ASP A 165 5.66 -18.62 22.10
C ASP A 165 4.97 -18.55 23.46
N VAL A 166 4.09 -17.57 23.66
CA VAL A 166 3.33 -17.46 24.90
C VAL A 166 2.16 -18.45 24.80
N THR A 167 2.30 -19.58 25.48
CA THR A 167 1.23 -20.58 25.52
C THR A 167 0.38 -20.49 26.78
N ASP A 168 0.90 -19.89 27.85
CA ASP A 168 0.11 -19.70 29.06
C ASP A 168 -1.20 -18.97 28.79
N LYS A 169 -1.29 -18.25 27.67
CA LYS A 169 -2.48 -17.48 27.32
C LYS A 169 -2.87 -17.80 25.88
N LYS A 170 -4.13 -17.52 25.54
CA LYS A 170 -4.64 -17.72 24.20
C LYS A 170 -4.74 -16.39 23.47
N TRP A 171 -4.67 -16.45 22.15
CA TRP A 171 -4.80 -15.26 21.33
C TRP A 171 -6.13 -14.57 21.65
N PRO A 172 -6.17 -13.23 21.65
CA PRO A 172 -5.08 -12.29 21.36
C PRO A 172 -4.38 -11.82 22.63
N ASN A 173 -4.09 -12.75 23.54
CA ASN A 173 -3.56 -12.41 24.84
C ASN A 173 -2.19 -13.02 25.11
N ASN A 174 -1.61 -13.72 24.13
CA ASN A 174 -0.26 -14.27 24.26
C ASN A 174 0.76 -13.16 23.99
N GLN A 175 0.87 -12.27 24.97
CA GLN A 175 1.50 -10.97 24.78
C GLN A 175 2.87 -10.90 25.46
N ILE A 176 3.81 -10.26 24.79
CA ILE A 176 5.16 -9.96 25.29
C ILE A 176 5.45 -8.49 25.02
N LYS A 177 6.41 -7.94 25.77
CA LYS A 177 6.79 -6.55 25.61
C LYS A 177 8.29 -6.43 25.39
N LYS A 178 8.67 -5.55 24.47
CA LYS A 178 10.07 -5.31 24.15
C LYS A 178 10.36 -3.83 24.27
N MET A 179 11.47 -3.48 24.93
CA MET A 179 11.83 -2.08 25.12
C MET A 179 12.55 -1.54 23.89
N GLY A 180 12.28 -0.29 23.57
CA GLY A 180 13.02 0.37 22.51
C GLY A 180 12.17 0.68 21.27
N TYR A 181 12.87 1.03 20.20
CA TYR A 181 12.25 1.46 18.97
C TYR A 181 11.74 0.29 18.12
N SER A 182 10.53 0.43 17.59
CA SER A 182 9.86 -0.72 16.95
C SER A 182 10.66 -1.25 15.75
N SER A 183 11.15 -0.38 14.86
CA SER A 183 11.81 -0.90 13.68
C SER A 183 13.05 -1.72 14.05
N ASP A 184 13.77 -1.28 15.08
CA ASP A 184 14.91 -2.06 15.56
C ASP A 184 14.48 -3.40 16.13
N ILE A 185 13.41 -3.40 16.92
CA ILE A 185 12.92 -4.63 17.55
C ILE A 185 12.42 -5.60 16.49
N VAL A 186 11.68 -5.10 15.50
CA VAL A 186 11.15 -5.96 14.43
C VAL A 186 12.29 -6.71 13.76
N THR A 187 13.35 -5.98 13.39
CA THR A 187 14.50 -6.64 12.79
C THR A 187 15.07 -7.70 13.72
N ASN A 188 15.16 -7.40 15.03
CA ASN A 188 15.72 -8.37 15.98
C ASN A 188 14.86 -9.63 16.06
N LEU A 189 13.54 -9.50 15.95
CA LEU A 189 12.69 -10.68 15.98
C LEU A 189 13.00 -11.61 14.81
N ALA A 190 13.18 -11.04 13.62
CA ALA A 190 13.52 -11.83 12.44
C ALA A 190 14.90 -12.48 12.58
N ILE A 191 15.90 -11.71 13.00
CA ILE A 191 17.24 -12.28 13.15
C ILE A 191 17.24 -13.36 14.21
N ASP A 192 16.51 -13.14 15.31
CA ASP A 192 16.45 -14.14 16.36
C ASP A 192 15.86 -15.45 15.84
N TRP A 193 14.75 -15.36 15.11
CA TRP A 193 14.15 -16.58 14.58
C TRP A 193 15.13 -17.30 13.66
N LEU A 194 15.76 -16.57 12.75
CA LEU A 194 16.71 -17.20 11.82
C LEU A 194 17.86 -17.87 12.58
N LYS A 195 18.36 -17.20 13.62
CA LYS A 195 19.53 -17.69 14.35
C LYS A 195 19.20 -18.82 15.30
N ASN A 196 18.06 -18.74 15.98
CA ASN A 196 17.84 -19.54 17.18
C ASN A 196 16.66 -20.49 17.09
N ARG A 197 15.77 -20.31 16.12
CA ARG A 197 14.54 -21.07 16.06
C ARG A 197 14.37 -21.87 14.79
N ARG A 198 15.01 -21.47 13.69
CA ARG A 198 14.77 -22.11 12.41
C ARG A 198 15.44 -23.47 12.35
N ASP A 199 14.73 -24.43 11.75
CA ASP A 199 15.27 -25.75 11.48
C ASP A 199 16.13 -25.64 10.23
N LYS A 200 17.45 -25.63 10.42
CA LYS A 200 18.36 -25.37 9.31
C LYS A 200 18.33 -26.50 8.27
N SER A 201 17.63 -27.60 8.54
CA SER A 201 17.49 -28.66 7.56
C SER A 201 16.31 -28.44 6.62
N LYS A 202 15.54 -27.38 6.79
CA LYS A 202 14.41 -27.15 5.92
C LYS A 202 14.40 -25.71 5.43
N PRO A 203 13.88 -25.47 4.23
CA PRO A 203 13.75 -24.10 3.75
C PRO A 203 12.73 -23.34 4.57
N PHE A 204 12.86 -22.02 4.57
CA PHE A 204 11.95 -21.18 5.32
C PHE A 204 11.28 -20.14 4.43
N PHE A 205 10.09 -19.75 4.85
CA PHE A 205 9.31 -18.67 4.24
C PHE A 205 8.96 -17.72 5.35
N MET A 206 9.40 -16.46 5.25
CA MET A 206 9.19 -15.47 6.28
C MET A 206 8.53 -14.23 5.68
N MET A 207 7.47 -13.76 6.32
CA MET A 207 6.88 -12.46 6.03
C MET A 207 7.36 -11.51 7.14
N HIS A 208 8.06 -10.46 6.73
CA HIS A 208 8.78 -9.55 7.65
C HIS A 208 8.23 -8.15 7.42
N HIS A 209 7.37 -7.68 8.33
CA HIS A 209 6.53 -6.51 8.10
C HIS A 209 6.84 -5.40 9.09
N TYR A 210 7.35 -4.28 8.61
CA TYR A 210 7.60 -3.13 9.48
C TYR A 210 6.33 -2.32 9.69
N LYS A 211 6.23 -1.74 10.89
CA LYS A 211 5.17 -0.77 11.15
C LYS A 211 5.52 0.60 10.57
N ALA A 212 6.76 1.04 10.75
CA ALA A 212 7.21 2.25 10.07
C ALA A 212 7.09 2.05 8.56
N PRO A 213 6.87 3.11 7.77
CA PRO A 213 6.75 4.53 8.17
C PRO A 213 5.29 5.03 8.35
N HIS A 214 4.42 4.17 8.87
CA HIS A 214 3.02 4.51 9.09
C HIS A 214 2.88 5.70 10.06
N ASP A 215 1.79 6.46 9.91
CA ASP A 215 1.56 7.55 10.86
C ASP A 215 1.35 6.98 12.26
N MET A 216 1.64 7.77 13.29
CA MET A 216 2.06 9.17 13.26
C MET A 216 3.53 9.52 12.94
N PHE A 217 4.30 8.63 12.35
CA PHE A 217 5.67 8.99 11.95
C PHE A 217 6.52 9.35 13.16
N GLU A 218 6.39 8.58 14.24
CA GLU A 218 7.22 8.79 15.44
C GLU A 218 8.58 8.15 15.18
N TYR A 219 9.46 8.93 14.56
CA TYR A 219 10.80 8.41 14.25
C TYR A 219 11.65 8.26 15.52
N ALA A 220 12.72 7.47 15.40
CA ALA A 220 13.63 7.28 16.54
C ALA A 220 14.44 8.54 16.82
N PRO A 221 14.69 8.85 18.11
CA PRO A 221 15.50 10.02 18.46
C PRO A 221 16.78 10.19 17.67
N ARG A 222 17.45 9.10 17.27
CA ARG A 222 18.73 9.29 16.61
C ARG A 222 18.60 9.93 15.24
N TYR A 223 17.38 10.04 14.69
CA TYR A 223 17.15 10.70 13.41
C TYR A 223 16.64 12.13 13.57
N GLU A 224 16.69 12.68 14.79
CA GLU A 224 16.11 14.00 15.04
C GLU A 224 16.66 15.06 14.09
N TYR A 225 17.94 14.97 13.74
CA TYR A 225 18.55 16.02 12.93
C TYR A 225 18.87 15.55 11.51
N TYR A 226 18.44 14.35 11.15
CA TYR A 226 18.47 13.93 9.76
C TYR A 226 17.57 14.84 8.94
N LEU A 227 18.12 15.41 7.87
CA LEU A 227 17.45 16.36 6.98
C LEU A 227 17.17 17.71 7.63
N ASP A 228 17.83 18.03 8.75
CA ASP A 228 17.52 19.28 9.43
C ASP A 228 17.84 20.51 8.57
N ASP A 229 18.91 20.44 7.79
CA ASP A 229 19.39 21.59 7.03
C ASP A 229 18.91 21.60 5.59
N VAL A 230 17.97 20.74 5.23
CA VAL A 230 17.57 20.52 3.85
C VAL A 230 16.11 20.89 3.71
N GLU A 231 15.75 21.52 2.59
CA GLU A 231 14.35 21.66 2.22
C GLU A 231 13.93 20.42 1.45
N VAL A 232 12.87 19.76 1.90
CA VAL A 232 12.34 18.64 1.11
C VAL A 232 11.69 19.18 -0.16
N PRO A 233 12.04 18.68 -1.35
CA PRO A 233 11.41 19.20 -2.57
C PRO A 233 9.89 19.16 -2.47
N VAL A 234 9.28 20.25 -2.88
CA VAL A 234 7.84 20.46 -2.77
C VAL A 234 7.21 20.20 -4.14
N PRO A 235 6.13 19.43 -4.21
CA PRO A 235 5.46 19.25 -5.50
C PRO A 235 4.63 20.47 -5.87
N LEU A 236 4.66 20.85 -7.15
CA LEU A 236 3.84 21.97 -7.59
C LEU A 236 2.36 21.76 -7.27
N SER A 237 1.91 20.50 -7.39
CA SER A 237 0.50 20.19 -7.18
C SER A 237 0.05 20.45 -5.75
N LEU A 238 0.98 20.63 -4.81
CA LEU A 238 0.56 21.02 -3.47
C LEU A 238 -0.13 22.39 -3.48
N PHE A 239 0.27 23.27 -4.40
CA PHE A 239 -0.27 24.62 -4.44
C PHE A 239 -1.09 24.91 -5.69
N ASP A 240 -1.14 23.98 -6.64
CA ASP A 240 -1.85 24.21 -7.90
C ASP A 240 -2.63 22.94 -8.20
N THR A 241 -3.96 23.02 -8.10
CA THR A 241 -4.84 21.93 -8.46
C THR A 241 -5.82 22.36 -9.54
N ASP A 242 -5.45 23.39 -10.30
CA ASP A 242 -6.38 24.07 -11.18
C ASP A 242 -7.11 23.11 -12.12
N LYS A 243 -6.40 22.14 -12.69
CA LYS A 243 -7.00 21.28 -13.72
C LYS A 243 -7.25 19.86 -13.24
N TRP A 244 -6.99 19.58 -11.97
CA TRP A 244 -7.12 18.25 -11.38
C TRP A 244 -8.55 18.03 -10.87
N GLY A 245 -8.96 16.76 -10.82
CA GLY A 245 -10.22 16.44 -10.15
C GLY A 245 -11.47 16.67 -10.99
N SER A 246 -12.61 16.66 -10.29
CA SER A 246 -13.92 16.66 -10.92
C SER A 246 -14.97 16.91 -9.86
N GLU A 247 -16.23 16.93 -10.30
CA GLU A 247 -17.36 17.15 -9.40
C GLU A 247 -17.41 16.07 -8.32
N GLY A 248 -17.00 14.85 -8.65
CA GLY A 248 -17.00 13.78 -7.67
C GLY A 248 -15.98 13.97 -6.57
N THR A 249 -14.91 14.73 -6.82
CA THR A 249 -13.87 14.96 -5.81
C THR A 249 -13.82 16.39 -5.32
N ARG A 250 -14.60 17.31 -5.92
CA ARG A 250 -14.54 18.72 -5.54
C ARG A 250 -15.91 19.37 -5.38
N GLY A 251 -16.97 18.74 -5.84
CA GLY A 251 -18.26 19.38 -5.95
C GLY A 251 -18.33 20.28 -7.17
N LYS A 252 -19.55 20.70 -7.49
CA LYS A 252 -19.74 21.70 -8.53
C LYS A 252 -19.17 23.03 -8.07
N ASN A 253 -18.30 23.63 -8.89
CA ASN A 253 -17.67 24.93 -8.58
C ASN A 253 -16.98 24.88 -7.22
N ASP A 254 -16.49 23.70 -6.84
CA ASP A 254 -15.71 23.51 -5.63
C ASP A 254 -16.52 23.71 -4.36
N SER A 255 -17.83 23.48 -4.46
CA SER A 255 -18.70 23.55 -3.29
C SER A 255 -18.27 22.56 -2.21
N LEU A 256 -17.61 21.46 -2.58
CA LEU A 256 -17.14 20.45 -1.63
C LEU A 256 -15.63 20.45 -1.45
N ARG A 257 -14.96 21.54 -1.81
CA ARG A 257 -13.49 21.55 -1.77
C ARG A 257 -12.95 21.41 -0.35
N HIS A 258 -13.72 21.84 0.65
CA HIS A 258 -13.30 21.71 2.05
C HIS A 258 -13.89 20.49 2.73
N PHE A 259 -14.69 19.71 2.00
CA PHE A 259 -15.44 18.56 2.49
C PHE A 259 -14.75 17.25 2.11
N ILE A 260 -14.37 17.12 0.84
CA ILE A 260 -13.82 15.90 0.29
C ILE A 260 -12.29 15.95 0.37
N GLY A 261 -11.70 14.91 0.94
CA GLY A 261 -10.27 14.70 0.84
C GLY A 261 -9.46 15.47 1.85
N THR A 262 -8.96 14.78 2.87
CA THR A 262 -8.09 15.42 3.85
C THR A 262 -6.84 15.97 3.17
N SER A 263 -6.22 16.96 3.81
CA SER A 263 -5.24 17.78 3.12
C SER A 263 -4.00 17.98 3.97
N VAL A 264 -2.95 18.49 3.31
CA VAL A 264 -1.80 19.03 4.02
C VAL A 264 -2.03 20.47 4.43
N SER A 265 -2.57 21.28 3.52
CA SER A 265 -2.97 22.65 3.81
C SER A 265 -4.19 22.67 4.72
N SER A 266 -4.63 23.88 5.05
CA SER A 266 -5.86 24.11 5.81
C SER A 266 -7.11 23.80 5.02
N ARG A 267 -6.99 23.31 3.78
CA ARG A 267 -8.14 23.15 2.90
C ARG A 267 -9.25 22.34 3.55
N HIS A 268 -8.95 21.10 3.97
CA HIS A 268 -10.00 20.27 4.56
C HIS A 268 -10.38 20.83 5.93
N GLU A 269 -11.66 21.08 6.15
CA GLU A 269 -12.06 21.86 7.32
C GLU A 269 -12.02 21.09 8.62
N ILE A 270 -11.91 19.75 8.58
CA ILE A 270 -11.99 18.91 9.77
C ILE A 270 -10.65 18.29 10.12
N ARG A 271 -9.87 17.87 9.11
CA ARG A 271 -8.64 17.13 9.38
C ARG A 271 -7.57 17.51 8.37
N ASN A 272 -6.47 18.08 8.84
CA ASN A 272 -5.36 18.42 7.94
C ASN A 272 -4.10 18.64 8.79
N TYR A 273 -2.97 18.71 8.10
CA TYR A 273 -1.70 18.75 8.85
C TYR A 273 -1.38 20.14 9.38
N VAL A 274 -1.88 21.21 8.74
CA VAL A 274 -1.70 22.55 9.31
C VAL A 274 -2.32 22.60 10.71
N MET A 275 -3.54 22.07 10.83
CA MET A 275 -4.17 21.92 12.14
C MET A 275 -3.33 21.04 13.06
N GLU A 276 -2.99 19.86 12.56
CA GLU A 276 -2.35 18.84 13.40
C GLU A 276 -1.00 19.31 13.93
N TYR A 277 -0.23 20.01 13.10
CA TYR A 277 1.07 20.51 13.48
C TYR A 277 1.01 21.91 14.08
N LYS A 278 -0.18 22.50 14.17
CA LYS A 278 -0.40 23.78 14.84
C LYS A 278 0.38 24.92 14.17
N CYS A 279 0.50 24.87 12.85
CA CYS A 279 1.16 25.95 12.13
C CYS A 279 0.28 27.18 12.10
N ASN A 280 0.85 28.32 12.49
CA ASN A 280 0.11 29.58 12.48
C ASN A 280 1.06 30.74 12.29
N THR A 281 1.55 30.93 11.08
CA THR A 281 2.51 31.97 10.76
C THR A 281 1.86 33.29 10.40
N GLY A 282 0.54 33.31 10.23
CA GLY A 282 -0.12 34.47 9.66
C GLY A 282 -0.28 34.40 8.16
N ASP A 283 0.28 33.39 7.50
CA ASP A 283 0.14 33.24 6.06
C ASP A 283 -0.18 31.80 5.75
N GLU A 284 -1.33 31.55 5.13
CA GLU A 284 -1.76 30.16 4.96
C GLU A 284 -0.82 29.40 4.05
N MET A 285 -0.29 30.05 3.01
CA MET A 285 0.66 29.37 2.12
C MET A 285 1.91 28.94 2.87
N GLU A 286 2.42 29.82 3.74
CA GLU A 286 3.56 29.43 4.54
C GLU A 286 3.19 28.31 5.50
N ASN A 287 2.01 28.40 6.14
CA ASN A 287 1.51 27.32 6.97
C ASN A 287 1.55 25.99 6.22
N THR A 288 1.08 25.97 4.97
CA THR A 288 1.07 24.73 4.19
C THR A 288 2.48 24.22 3.96
N TYR A 289 3.39 25.13 3.58
CA TYR A 289 4.77 24.76 3.34
C TYR A 289 5.38 24.13 4.59
N LEU A 290 5.15 24.74 5.75
CA LEU A 290 5.74 24.25 6.99
C LEU A 290 5.15 22.90 7.39
N ALA A 291 3.84 22.72 7.16
CA ALA A 291 3.24 21.42 7.45
C ALA A 291 3.80 20.35 6.51
N TYR A 292 3.92 20.67 5.22
CA TYR A 292 4.52 19.74 4.27
C TYR A 292 5.93 19.36 4.72
N GLN A 293 6.75 20.34 5.12
CA GLN A 293 8.12 20.04 5.54
C GLN A 293 8.13 19.12 6.75
N HIS A 294 7.26 19.37 7.73
CA HIS A 294 7.25 18.54 8.93
C HIS A 294 6.72 17.15 8.63
N TYR A 295 5.65 17.08 7.86
CA TYR A 295 5.11 15.81 7.39
C TYR A 295 6.20 14.99 6.70
N LEU A 296 6.87 15.59 5.72
CA LEU A 296 7.82 14.83 4.91
C LEU A 296 9.06 14.48 5.72
N LYS A 297 9.54 15.40 6.55
CA LYS A 297 10.76 15.09 7.30
C LYS A 297 10.51 14.00 8.35
N SER A 298 9.37 14.06 9.05
CA SER A 298 9.07 13.00 10.01
C SER A 298 8.92 11.67 9.32
N TYR A 299 8.24 11.66 8.18
CA TYR A 299 8.03 10.44 7.41
C TYR A 299 9.35 9.88 6.91
N LEU A 300 10.20 10.73 6.35
CA LEU A 300 11.47 10.25 5.81
C LEU A 300 12.40 9.78 6.91
N ARG A 301 12.30 10.35 8.11
CA ARG A 301 13.08 9.84 9.22
C ARG A 301 12.63 8.45 9.62
N CYS A 302 11.35 8.13 9.43
CA CYS A 302 10.89 6.77 9.66
C CYS A 302 11.37 5.85 8.54
N VAL A 303 11.34 6.33 7.30
CA VAL A 303 11.89 5.52 6.21
C VAL A 303 13.36 5.21 6.46
N LYS A 304 14.12 6.20 6.93
CA LYS A 304 15.54 6.00 7.19
C LYS A 304 15.79 4.93 8.23
N GLY A 305 14.96 4.91 9.28
CA GLY A 305 15.07 3.85 10.27
C GLY A 305 14.83 2.47 9.67
N VAL A 306 13.90 2.36 8.73
CA VAL A 306 13.68 1.07 8.09
C VAL A 306 14.90 0.70 7.25
N ASP A 307 15.40 1.66 6.47
CA ASP A 307 16.56 1.40 5.62
C ASP A 307 17.78 0.99 6.43
N ASP A 308 18.03 1.70 7.55
CA ASP A 308 19.13 1.33 8.42
C ASP A 308 18.96 -0.08 8.95
N ASN A 309 17.73 -0.45 9.28
CA ASN A 309 17.47 -1.78 9.81
C ASN A 309 17.64 -2.86 8.75
N LEU A 310 17.30 -2.53 7.50
CA LEU A 310 17.52 -3.48 6.41
C LEU A 310 19.01 -3.76 6.25
N LYS A 311 19.84 -2.75 6.46
CA LYS A 311 21.28 -2.97 6.42
C LYS A 311 21.68 -4.06 7.43
N ARG A 312 21.13 -3.99 8.64
CA ARG A 312 21.46 -4.99 9.66
C ARG A 312 21.00 -6.37 9.25
N LEU A 313 19.76 -6.46 8.73
CA LEU A 313 19.21 -7.75 8.34
C LEU A 313 20.02 -8.36 7.19
N PHE A 314 20.25 -7.56 6.14
CA PHE A 314 21.01 -8.07 5.00
C PHE A 314 22.43 -8.44 5.40
N ASP A 315 23.06 -7.65 6.27
CA ASP A 315 24.38 -8.00 6.79
C ASP A 315 24.34 -9.37 7.43
N TYR A 316 23.35 -9.60 8.29
CA TYR A 316 23.23 -10.89 8.96
C TYR A 316 23.06 -12.02 7.95
N LEU A 317 22.09 -11.88 7.04
CA LEU A 317 21.88 -12.93 6.04
C LEU A 317 23.18 -13.24 5.30
N LYS A 318 23.94 -12.22 4.94
CA LYS A 318 25.18 -12.47 4.21
C LYS A 318 26.18 -13.25 5.07
N LYS A 319 26.38 -12.83 6.32
CA LYS A 319 27.36 -13.53 7.14
C LYS A 319 26.91 -14.95 7.49
N GLU A 320 25.59 -15.21 7.45
CA GLU A 320 25.04 -16.53 7.76
C GLU A 320 25.06 -17.48 6.57
N GLY A 321 25.45 -16.99 5.38
CA GLY A 321 25.42 -17.83 4.20
C GLY A 321 24.06 -18.00 3.57
N LEU A 322 23.14 -17.05 3.79
CA LEU A 322 21.81 -17.15 3.24
C LEU A 322 21.58 -16.23 2.06
N TRP A 323 22.52 -15.33 1.76
CA TRP A 323 22.30 -14.33 0.73
C TRP A 323 22.06 -14.95 -0.64
N GLU A 324 22.72 -16.07 -0.95
CA GLU A 324 22.61 -16.59 -2.30
C GLU A 324 21.61 -17.74 -2.42
N ASN A 325 20.89 -18.07 -1.35
CA ASN A 325 19.84 -19.09 -1.44
C ASN A 325 18.52 -18.58 -0.88
N THR A 326 18.32 -17.27 -0.84
CA THR A 326 17.10 -16.66 -0.30
C THR A 326 16.59 -15.61 -1.27
N ILE A 327 15.33 -15.75 -1.69
CA ILE A 327 14.68 -14.70 -2.47
C ILE A 327 14.22 -13.62 -1.52
N ILE A 328 14.53 -12.37 -1.84
CA ILE A 328 14.15 -11.25 -1.01
C ILE A 328 13.24 -10.32 -1.80
N VAL A 329 12.12 -9.97 -1.19
CA VAL A 329 11.17 -9.00 -1.74
C VAL A 329 11.14 -7.82 -0.79
N TYR A 330 11.06 -6.60 -1.35
CA TYR A 330 10.81 -5.40 -0.55
C TYR A 330 9.69 -4.61 -1.22
N THR A 331 8.65 -4.30 -0.44
CA THR A 331 7.48 -3.63 -1.00
C THR A 331 6.79 -2.85 0.12
N GLY A 332 5.77 -2.08 -0.25
CA GLY A 332 4.93 -1.43 0.73
C GLY A 332 3.49 -1.79 0.44
N ASP A 333 2.66 -1.82 1.49
CA ASP A 333 1.33 -2.39 1.26
C ASP A 333 0.50 -1.51 0.34
N GLN A 334 0.72 -0.20 0.34
CA GLN A 334 0.19 0.68 -0.70
C GLN A 334 1.06 1.93 -0.71
N GLY A 335 0.83 2.77 -1.71
CA GLY A 335 1.49 4.05 -1.73
C GLY A 335 0.86 4.97 -0.70
N MET A 336 1.28 6.23 -0.75
CA MET A 336 0.73 7.26 0.10
C MET A 336 0.87 8.60 -0.62
N MET A 337 -0.13 9.46 -0.46
CA MET A 337 -0.06 10.84 -0.95
C MET A 337 0.84 11.64 -0.02
N LEU A 338 2.00 12.05 -0.51
CA LEU A 338 2.90 12.93 0.24
C LEU A 338 2.69 14.38 -0.20
N GLY A 339 1.45 14.82 -0.06
CA GLY A 339 1.10 16.19 -0.38
C GLY A 339 0.84 16.48 -1.84
N GLU A 340 0.97 15.49 -2.72
CA GLU A 340 0.58 15.72 -4.11
C GLU A 340 -0.91 16.02 -4.16
N HIS A 341 -1.28 17.05 -4.94
CA HIS A 341 -2.64 17.55 -5.03
C HIS A 341 -3.17 17.94 -3.67
N ASP A 342 -2.30 18.21 -2.71
CA ASP A 342 -2.74 18.64 -1.39
C ASP A 342 -3.57 17.56 -0.71
N LEU A 343 -3.17 16.30 -0.90
CA LEU A 343 -3.82 15.14 -0.30
C LEU A 343 -2.86 14.45 0.68
N GLN A 344 -3.43 13.64 1.57
CA GLN A 344 -2.65 12.82 2.51
C GLN A 344 -3.24 11.41 2.54
N ASP A 345 -2.62 10.55 3.34
CA ASP A 345 -3.01 9.14 3.47
C ASP A 345 -3.00 8.48 2.08
N LYS A 346 -3.84 7.47 1.89
CA LYS A 346 -3.84 6.70 0.64
C LYS A 346 -5.25 6.66 0.08
N ARG A 347 -5.75 5.46 -0.26
CA ARG A 347 -7.14 5.22 -0.63
C ARG A 347 -7.45 5.69 -2.06
N TRP A 348 -6.91 6.85 -2.43
CA TRP A 348 -7.10 7.36 -3.78
C TRP A 348 -6.47 6.44 -4.81
N MET A 349 -7.05 6.42 -6.01
CA MET A 349 -6.41 5.70 -7.11
C MET A 349 -5.30 6.50 -7.78
N TYR A 350 -5.08 7.75 -7.38
CA TYR A 350 -4.02 8.54 -7.98
C TYR A 350 -2.68 7.83 -7.84
N GLU A 351 -1.77 8.13 -8.78
CA GLU A 351 -0.55 7.35 -8.98
C GLU A 351 0.21 7.07 -7.67
N GLU A 352 0.38 8.10 -6.83
CA GLU A 352 1.27 7.94 -5.68
C GLU A 352 0.69 6.97 -4.65
N SER A 353 -0.63 6.84 -4.60
CA SER A 353 -1.32 5.94 -3.69
C SER A 353 -1.56 4.56 -4.31
N GLN A 354 -1.84 4.50 -5.62
CA GLN A 354 -2.11 3.22 -6.27
C GLN A 354 -0.86 2.39 -6.45
N ARG A 355 0.26 3.02 -6.80
CA ARG A 355 1.50 2.31 -7.08
C ARG A 355 2.15 1.84 -5.78
N MET A 356 2.55 0.58 -5.75
CA MET A 356 3.41 0.08 -4.67
C MET A 356 4.85 -0.01 -5.17
N PRO A 357 5.86 0.37 -4.39
CA PRO A 357 7.22 0.00 -4.77
C PRO A 357 7.34 -1.51 -4.62
N PHE A 358 8.13 -2.11 -5.51
CA PHE A 358 8.22 -3.58 -5.52
C PHE A 358 9.55 -3.97 -6.14
N ILE A 359 10.43 -4.52 -5.31
CA ILE A 359 11.77 -4.92 -5.70
C ILE A 359 11.95 -6.36 -5.25
N VAL A 360 12.46 -7.21 -6.14
CA VAL A 360 12.72 -8.61 -5.85
C VAL A 360 14.14 -8.93 -6.24
N ARG A 361 14.89 -9.55 -5.33
CA ARG A 361 16.21 -10.08 -5.64
C ARG A 361 16.13 -11.61 -5.54
N ASP A 362 16.05 -12.26 -6.68
CA ASP A 362 16.19 -13.70 -6.78
C ASP A 362 17.65 -13.97 -7.11
N PRO A 363 18.42 -14.58 -6.22
CA PRO A 363 19.86 -14.76 -6.51
C PRO A 363 20.13 -15.56 -7.77
N ARG A 364 19.17 -16.37 -8.21
CA ARG A 364 19.33 -17.09 -9.47
C ARG A 364 19.07 -16.23 -10.70
N CYS A 365 18.43 -15.08 -10.54
CA CYS A 365 18.09 -14.27 -11.71
C CYS A 365 19.35 -13.58 -12.24
N PRO A 366 19.68 -13.73 -13.53
CA PRO A 366 20.89 -13.12 -14.06
C PRO A 366 20.75 -11.66 -14.45
N TYR A 367 19.55 -11.10 -14.38
CA TYR A 367 19.30 -9.70 -14.75
C TYR A 367 19.34 -8.87 -13.47
N LYS A 368 20.54 -8.44 -13.10
CA LYS A 368 20.75 -7.69 -11.86
C LYS A 368 20.71 -6.21 -12.16
N GLY A 369 19.95 -5.47 -11.34
CA GLY A 369 19.81 -4.05 -11.60
C GLY A 369 18.89 -3.75 -12.76
N ALA A 370 18.02 -4.70 -13.11
CA ALA A 370 17.08 -4.54 -14.21
C ALA A 370 15.77 -3.93 -13.71
N LYS A 371 15.00 -3.41 -14.66
CA LYS A 371 13.67 -2.91 -14.39
C LYS A 371 12.68 -3.68 -15.25
N SER A 372 11.47 -3.84 -14.75
CA SER A 372 10.39 -4.45 -15.51
C SER A 372 9.20 -3.52 -15.52
N ASP A 373 8.60 -3.31 -16.70
CA ASP A 373 7.43 -2.47 -16.85
C ASP A 373 6.14 -3.27 -16.87
N LEU A 374 6.21 -4.57 -16.59
CA LEU A 374 5.03 -5.42 -16.55
C LEU A 374 3.99 -4.85 -15.60
N MET A 375 2.74 -4.80 -16.04
CA MET A 375 1.64 -4.32 -15.20
C MET A 375 1.24 -5.41 -14.23
N ILE A 376 1.59 -5.25 -12.94
CA ILE A 376 1.30 -6.28 -11.95
C ILE A 376 0.48 -5.69 -10.80
N ASN A 377 -0.12 -6.59 -10.01
CA ASN A 377 -0.93 -6.22 -8.85
C ASN A 377 -0.44 -6.96 -7.61
N ASN A 378 -0.86 -6.46 -6.44
CA ASN A 378 -0.54 -7.18 -5.21
C ASN A 378 -1.20 -8.56 -5.18
N ILE A 379 -2.27 -8.78 -5.93
CA ILE A 379 -2.87 -10.12 -5.98
C ILE A 379 -1.99 -11.11 -6.74
N ASP A 380 -0.99 -10.65 -7.48
CA ASP A 380 -0.10 -11.55 -8.20
C ASP A 380 1.10 -12.00 -7.36
N PHE A 381 1.29 -11.41 -6.17
CA PHE A 381 2.48 -11.73 -5.36
C PHE A 381 2.52 -13.20 -4.98
N ALA A 382 1.42 -13.69 -4.40
CA ALA A 382 1.42 -15.08 -3.91
C ALA A 382 1.64 -16.08 -5.02
N PRO A 383 0.90 -16.08 -6.13
CA PRO A 383 1.18 -17.08 -7.17
C PRO A 383 2.59 -16.98 -7.71
N THR A 384 3.13 -15.78 -7.80
CA THR A 384 4.49 -15.62 -8.32
C THR A 384 5.51 -16.24 -7.37
N LEU A 385 5.41 -15.93 -6.07
CA LEU A 385 6.35 -16.49 -5.10
C LEU A 385 6.27 -18.01 -5.08
N ILE A 386 5.05 -18.55 -5.13
CA ILE A 386 4.87 -20.00 -5.07
C ILE A 386 5.55 -20.66 -6.26
N GLU A 387 5.36 -20.09 -7.44
CA GLU A 387 5.99 -20.63 -8.64
C GLU A 387 7.50 -20.44 -8.63
N MET A 388 7.98 -19.31 -8.10
CA MET A 388 9.42 -19.04 -8.03
C MET A 388 10.18 -20.17 -7.34
N VAL A 389 9.59 -20.79 -6.32
CA VAL A 389 10.29 -21.82 -5.55
C VAL A 389 9.97 -23.23 -6.05
N GLY A 390 9.23 -23.36 -7.16
CA GLY A 390 8.97 -24.64 -7.78
C GLY A 390 7.54 -25.13 -7.67
N GLY A 391 6.64 -24.39 -7.03
CA GLY A 391 5.26 -24.79 -6.92
C GLY A 391 4.47 -24.39 -8.15
N LYS A 392 3.16 -24.62 -8.09
CA LYS A 392 2.29 -24.29 -9.21
C LYS A 392 1.43 -23.10 -8.84
N GLU A 393 1.17 -22.27 -9.84
CA GLU A 393 0.31 -21.14 -9.62
C GLU A 393 -1.05 -21.62 -9.13
N PRO A 394 -1.53 -21.18 -7.97
CA PRO A 394 -2.80 -21.71 -7.44
C PRO A 394 -3.97 -21.31 -8.32
N SER A 395 -4.80 -22.29 -8.65
CA SER A 395 -5.89 -22.08 -9.60
C SER A 395 -7.08 -21.38 -8.99
N TYR A 396 -7.16 -21.27 -7.66
CA TYR A 396 -8.29 -20.61 -7.00
C TYR A 396 -8.02 -19.12 -6.74
N MET A 397 -6.86 -18.61 -7.13
CA MET A 397 -6.51 -17.22 -6.91
C MET A 397 -6.92 -16.39 -8.12
N ASP A 398 -7.16 -15.10 -7.89
CA ASP A 398 -7.41 -14.18 -9.00
C ASP A 398 -6.11 -13.75 -9.66
N GLY A 399 -5.05 -13.55 -8.86
CA GLY A 399 -3.75 -13.20 -9.39
C GLY A 399 -3.11 -14.36 -10.11
N LYS A 400 -2.08 -14.05 -10.89
CA LYS A 400 -1.33 -15.05 -11.64
C LYS A 400 0.16 -14.81 -11.44
N SER A 401 0.97 -15.79 -11.87
CA SER A 401 2.41 -15.75 -11.63
C SER A 401 3.13 -15.05 -12.77
N PHE A 402 3.93 -14.05 -12.43
CA PHE A 402 4.86 -13.46 -13.38
C PHE A 402 6.29 -13.92 -13.12
N ALA A 403 6.45 -15.11 -12.51
CA ALA A 403 7.78 -15.62 -12.21
C ALA A 403 8.64 -15.75 -13.45
N SER A 404 8.04 -15.90 -14.63
CA SER A 404 8.82 -16.05 -15.84
C SER A 404 9.67 -14.83 -16.13
N VAL A 405 9.31 -13.68 -15.56
CA VAL A 405 10.10 -12.46 -15.77
C VAL A 405 11.54 -12.67 -15.30
N PHE A 406 11.72 -13.42 -14.22
CA PHE A 406 13.05 -13.62 -13.67
C PHE A 406 13.90 -14.56 -14.52
N GLU A 407 13.29 -15.26 -15.48
CA GLU A 407 14.05 -16.00 -16.47
C GLU A 407 14.09 -15.27 -17.80
N GLY A 408 13.63 -14.02 -17.83
CA GLY A 408 13.72 -13.20 -19.00
C GLY A 408 12.59 -13.33 -20.00
N LYS A 409 11.40 -13.76 -19.56
CA LYS A 409 10.27 -13.96 -20.46
C LYS A 409 9.00 -13.37 -19.85
N LYS A 410 8.32 -12.54 -20.62
CA LYS A 410 7.01 -12.05 -20.20
C LYS A 410 6.07 -13.24 -20.00
N PRO A 411 5.19 -13.20 -19.01
CA PRO A 411 4.25 -14.31 -18.82
C PRO A 411 3.27 -14.38 -19.97
N GLU A 412 2.71 -15.56 -20.18
CA GLU A 412 1.83 -15.76 -21.32
C GLU A 412 0.52 -15.00 -21.12
N ASN A 413 0.09 -14.27 -22.16
CA ASN A 413 -1.23 -13.64 -22.20
C ASN A 413 -1.44 -12.68 -21.03
N TRP A 414 -0.39 -12.00 -20.59
CA TRP A 414 -0.48 -11.18 -19.40
C TRP A 414 -1.29 -9.90 -19.66
N LYS A 415 -1.93 -9.40 -18.60
CA LYS A 415 -2.77 -8.22 -18.69
C LYS A 415 -1.95 -6.98 -19.05
N ASP A 416 -2.56 -6.07 -19.82
CA ASP A 416 -1.94 -4.77 -20.07
C ASP A 416 -2.72 -3.63 -19.42
N ALA A 417 -3.62 -3.97 -18.49
CA ALA A 417 -4.36 -2.99 -17.70
C ALA A 417 -4.64 -3.58 -16.33
N VAL A 418 -4.88 -2.71 -15.35
CA VAL A 418 -5.17 -3.15 -13.99
C VAL A 418 -6.47 -2.52 -13.49
N TYR A 419 -7.18 -3.28 -12.67
CA TYR A 419 -8.42 -2.89 -12.02
C TYR A 419 -8.15 -2.32 -10.63
N TYR A 420 -9.00 -1.39 -10.20
CA TYR A 420 -8.89 -0.77 -8.89
C TYR A 420 -10.29 -0.50 -8.36
N ARG A 421 -10.50 -0.74 -7.07
CA ARG A 421 -11.72 -0.29 -6.41
C ARG A 421 -11.45 0.03 -4.96
N TYR A 422 -11.83 1.23 -4.53
CA TYR A 422 -11.81 1.64 -3.13
C TYR A 422 -13.25 1.66 -2.64
N TRP A 423 -13.56 0.83 -1.66
CA TRP A 423 -14.93 0.64 -1.20
C TRP A 423 -15.32 1.52 -0.02
N MET A 424 -14.35 1.97 0.79
CA MET A 424 -14.63 2.50 2.12
C MET A 424 -15.02 3.97 1.98
N HIS A 425 -16.25 4.19 1.52
CA HIS A 425 -16.73 5.53 1.19
C HIS A 425 -16.68 6.49 2.40
N MET A 426 -15.92 7.59 2.24
CA MET A 426 -15.85 8.73 3.16
C MET A 426 -15.20 8.47 4.53
N ILE A 427 -15.15 7.22 5.00
CA ILE A 427 -14.65 6.96 6.35
C ILE A 427 -13.19 7.38 6.48
N HIS A 428 -12.84 7.99 7.62
CA HIS A 428 -11.48 8.36 8.03
C HIS A 428 -10.90 9.61 7.35
N HIS A 429 -10.96 9.67 6.02
CA HIS A 429 -10.30 10.72 5.26
C HIS A 429 -11.22 11.38 4.24
N ASP A 430 -12.53 11.12 4.29
CA ASP A 430 -13.49 11.79 3.41
C ASP A 430 -13.14 11.58 1.95
N VAL A 431 -12.80 10.34 1.60
CA VAL A 431 -12.46 9.96 0.24
C VAL A 431 -13.63 9.16 -0.33
N PRO A 432 -14.23 9.61 -1.44
CA PRO A 432 -15.39 8.90 -1.99
C PRO A 432 -15.00 7.58 -2.64
N ALA A 433 -15.93 6.63 -2.60
CA ALA A 433 -15.68 5.32 -3.19
C ALA A 433 -15.56 5.44 -4.70
N HIS A 434 -14.67 4.63 -5.29
CA HIS A 434 -14.47 4.74 -6.73
C HIS A 434 -13.93 3.42 -7.29
N ILE A 435 -14.14 3.23 -8.59
CA ILE A 435 -13.52 2.16 -9.35
C ILE A 435 -12.67 2.80 -10.44
N GLY A 436 -11.80 1.99 -11.05
CA GLY A 436 -11.07 2.55 -12.17
C GLY A 436 -10.27 1.49 -12.91
N ILE A 437 -9.70 1.91 -14.02
CA ILE A 437 -8.82 1.07 -14.83
C ILE A 437 -7.61 1.92 -15.19
N ARG A 438 -6.42 1.32 -15.10
CA ARG A 438 -5.21 1.97 -15.56
C ARG A 438 -4.56 1.10 -16.62
N THR A 439 -4.43 1.63 -17.83
CA THR A 439 -3.68 0.99 -18.89
C THR A 439 -2.25 1.52 -18.84
N GLU A 440 -1.45 1.19 -19.83
CA GLU A 440 -0.11 1.77 -19.89
C GLU A 440 -0.13 3.23 -20.31
N ASN A 441 -1.24 3.73 -20.85
CA ASN A 441 -1.32 5.09 -21.35
C ASN A 441 -2.31 5.97 -20.62
N TYR A 442 -3.40 5.42 -20.09
CA TYR A 442 -4.47 6.25 -19.57
C TYR A 442 -5.01 5.63 -18.29
N LYS A 443 -5.57 6.48 -17.45
CA LYS A 443 -6.26 6.05 -16.24
C LYS A 443 -7.66 6.64 -16.27
N LEU A 444 -8.67 5.79 -16.13
CA LEU A 444 -10.04 6.24 -16.02
C LEU A 444 -10.55 5.89 -14.62
N ILE A 445 -11.00 6.91 -13.89
CA ILE A 445 -11.53 6.74 -12.54
C ILE A 445 -13.00 7.09 -12.59
N LEU A 446 -13.83 6.24 -11.99
CA LEU A 446 -15.25 6.49 -11.86
C LEU A 446 -15.54 6.65 -10.37
N PHE A 447 -15.83 7.87 -9.95
CA PHE A 447 -16.24 8.12 -8.58
C PHE A 447 -17.73 7.85 -8.47
N TYR A 448 -18.10 6.73 -7.83
CA TYR A 448 -19.52 6.41 -7.71
C TYR A 448 -20.12 6.86 -6.38
N GLY A 449 -19.28 7.15 -5.39
CA GLY A 449 -19.73 7.93 -4.25
C GLY A 449 -20.80 7.29 -3.38
N ARG A 450 -20.78 5.97 -3.22
CA ARG A 450 -21.74 5.31 -2.34
C ARG A 450 -21.01 4.37 -1.40
N HIS A 451 -21.65 4.09 -0.26
CA HIS A 451 -21.16 3.06 0.66
C HIS A 451 -22.00 1.80 0.48
N TYR A 452 -21.32 0.65 0.49
CA TYR A 452 -21.98 -0.63 0.26
C TYR A 452 -22.89 -1.02 1.42
N ASP A 453 -22.75 -0.39 2.58
CA ASP A 453 -23.57 -0.71 3.75
C ASP A 453 -24.40 0.53 4.07
N ASP A 454 -25.66 0.57 3.62
CA ASP A 454 -26.38 1.84 3.78
C ASP A 454 -26.74 2.15 5.23
N LYS A 455 -26.47 1.25 6.19
CA LYS A 455 -26.62 1.63 7.58
C LYS A 455 -25.61 2.72 7.97
N ARG A 456 -24.50 2.82 7.24
CA ARG A 456 -23.46 3.79 7.59
C ARG A 456 -23.81 5.22 7.22
N TYR A 457 -24.75 5.45 6.31
CA TYR A 457 -25.12 6.81 5.96
C TYR A 457 -25.62 7.54 7.19
N GLY A 458 -25.17 8.79 7.35
CA GLY A 458 -25.53 9.59 8.50
C GLY A 458 -24.58 9.47 9.67
N GLN A 459 -23.80 8.39 9.75
CA GLN A 459 -22.82 8.27 10.82
C GLN A 459 -21.62 9.17 10.51
N LYS A 460 -20.78 9.38 11.53
CA LYS A 460 -19.58 10.20 11.37
C LYS A 460 -18.55 9.46 10.54
N SER A 461 -17.90 10.19 9.62
CA SER A 461 -16.79 9.62 8.86
C SER A 461 -15.54 9.48 9.72
N MET A 462 -15.36 10.40 10.67
CA MET A 462 -14.28 10.33 11.65
C MET A 462 -14.92 10.35 13.03
N SER A 463 -15.12 9.17 13.61
CA SER A 463 -15.97 9.04 14.79
C SER A 463 -15.31 9.56 16.06
N TRP A 464 -14.04 9.92 16.01
CA TRP A 464 -13.36 10.48 17.18
C TRP A 464 -13.47 11.99 17.24
N LEU A 465 -14.22 12.63 16.35
CA LEU A 465 -14.36 14.07 16.32
C LEU A 465 -15.82 14.48 16.44
N LYS A 466 -16.10 15.45 17.31
CA LYS A 466 -17.48 15.88 17.54
C LYS A 466 -18.09 16.51 16.31
N ASN A 467 -17.28 17.19 15.48
CA ASN A 467 -17.79 17.90 14.31
C ASN A 467 -17.40 17.21 13.01
N SER A 468 -17.14 15.91 13.04
CA SER A 468 -16.83 15.17 11.83
C SER A 468 -17.91 15.39 10.77
N HIS A 469 -17.50 15.34 9.50
CA HIS A 469 -18.51 15.20 8.46
C HIS A 469 -19.22 13.87 8.61
N LYS A 470 -20.39 13.76 7.99
CA LYS A 470 -21.15 12.52 8.00
C LYS A 470 -20.99 11.78 6.67
N ILE A 471 -21.15 10.46 6.74
CA ILE A 471 -21.08 9.62 5.55
C ILE A 471 -22.34 9.89 4.73
N VAL A 472 -22.17 10.46 3.54
CA VAL A 472 -23.28 10.79 2.65
C VAL A 472 -22.90 10.43 1.23
N PRO A 473 -23.88 10.17 0.38
CA PRO A 473 -23.57 9.96 -1.04
C PRO A 473 -23.01 11.24 -1.66
N THR A 474 -22.00 11.08 -2.51
CA THR A 474 -21.36 12.19 -3.21
C THR A 474 -21.66 12.08 -4.70
N LEU A 475 -21.12 13.03 -5.46
CA LEU A 475 -21.47 13.15 -6.87
C LEU A 475 -20.79 12.09 -7.71
N VAL A 476 -21.49 11.60 -8.76
CA VAL A 476 -20.87 10.65 -9.67
C VAL A 476 -20.05 11.42 -10.70
N SER A 477 -18.84 10.98 -11.00
CA SER A 477 -18.08 11.63 -12.05
C SER A 477 -16.94 10.74 -12.52
N PHE A 478 -16.44 11.05 -13.71
CA PHE A 478 -15.27 10.41 -14.29
C PHE A 478 -14.09 11.37 -14.26
N GLU A 479 -12.89 10.81 -14.07
CA GLU A 479 -11.64 11.53 -14.27
C GLU A 479 -10.77 10.68 -15.19
N LEU A 480 -10.16 11.32 -16.19
CA LEU A 480 -9.36 10.63 -17.20
C LEU A 480 -8.00 11.30 -17.25
N TYR A 481 -6.93 10.55 -16.97
CA TYR A 481 -5.58 11.11 -17.00
C TYR A 481 -4.73 10.38 -18.03
N ASP A 482 -3.92 11.15 -18.75
CA ASP A 482 -2.90 10.61 -19.65
C ASP A 482 -1.66 10.38 -18.79
N VAL A 483 -1.52 9.15 -18.28
CA VAL A 483 -0.42 8.92 -17.34
C VAL A 483 0.93 8.87 -18.02
N LYS A 484 0.98 8.81 -19.35
CA LYS A 484 2.26 8.85 -20.03
C LYS A 484 2.76 10.28 -20.18
N ASN A 485 1.91 11.18 -20.66
CA ASN A 485 2.36 12.56 -20.85
C ASN A 485 2.06 13.45 -19.66
N ASP A 486 1.25 12.95 -18.72
CA ASP A 486 0.87 13.72 -17.52
C ASP A 486 1.00 12.76 -16.33
N PRO A 487 2.21 12.31 -16.05
CA PRO A 487 2.40 11.30 -14.98
C PRO A 487 2.00 11.76 -13.60
N TYR A 488 1.91 13.07 -13.37
CA TYR A 488 1.49 13.59 -12.08
C TYR A 488 -0.02 13.81 -12.00
N GLU A 489 -0.77 13.42 -13.04
CA GLU A 489 -2.24 13.54 -13.05
C GLU A 489 -2.67 14.97 -12.70
N MET A 490 -2.05 15.93 -13.37
CA MET A 490 -2.41 17.34 -13.21
C MET A 490 -3.71 17.70 -13.93
N VAL A 491 -4.07 16.98 -15.01
CA VAL A 491 -5.06 17.45 -15.97
C VAL A 491 -6.11 16.37 -16.22
N ASN A 492 -7.29 16.53 -15.62
CA ASN A 492 -8.43 15.67 -15.91
C ASN A 492 -8.92 15.97 -17.33
N LEU A 493 -8.91 14.96 -18.19
CA LEU A 493 -9.28 15.12 -19.60
C LEU A 493 -10.72 14.71 -19.89
N ALA A 494 -11.47 14.25 -18.89
CA ALA A 494 -12.76 13.63 -19.20
C ALA A 494 -13.75 14.58 -19.87
N ASP A 495 -13.61 15.89 -19.68
CA ASP A 495 -14.56 16.83 -20.28
C ASP A 495 -13.95 17.59 -21.45
N ASN A 496 -12.77 17.21 -21.88
CA ASN A 496 -12.15 17.79 -23.06
C ASN A 496 -12.70 17.08 -24.30
N PRO A 497 -13.33 17.79 -25.23
CA PRO A 497 -13.93 17.09 -26.38
C PRO A 497 -12.92 16.44 -27.28
N LYS A 498 -11.66 16.90 -27.27
CA LYS A 498 -10.62 16.23 -28.03
C LYS A 498 -10.39 14.80 -27.56
N TYR A 499 -10.83 14.46 -26.34
CA TYR A 499 -10.62 13.13 -25.79
C TYR A 499 -11.91 12.31 -25.70
N ALA A 500 -12.95 12.70 -26.45
CA ALA A 500 -14.23 12.02 -26.35
C ALA A 500 -14.13 10.55 -26.73
N LYS A 501 -13.30 10.23 -27.72
CA LYS A 501 -13.20 8.85 -28.17
C LYS A 501 -12.40 8.02 -27.16
N VAL A 502 -11.32 8.60 -26.62
CA VAL A 502 -10.56 7.93 -25.56
C VAL A 502 -11.44 7.64 -24.36
N LEU A 503 -12.25 8.62 -23.95
CA LEU A 503 -13.13 8.43 -22.80
C LEU A 503 -14.10 7.28 -23.04
N LYS A 504 -14.72 7.26 -24.24
CA LYS A 504 -15.63 6.17 -24.60
C LYS A 504 -14.89 4.83 -24.62
N ASP A 505 -13.69 4.81 -25.22
CA ASP A 505 -12.91 3.57 -25.27
C ASP A 505 -12.56 3.10 -23.85
N MET A 506 -12.14 4.01 -22.97
CA MET A 506 -11.80 3.60 -21.60
C MET A 506 -13.02 3.23 -20.78
N LYS A 507 -14.17 3.84 -21.06
CA LYS A 507 -15.37 3.40 -20.36
C LYS A 507 -15.74 1.97 -20.74
N LYS A 508 -15.61 1.64 -22.01
CA LYS A 508 -15.85 0.28 -22.48
C LYS A 508 -14.90 -0.71 -21.79
N LYS A 509 -13.62 -0.34 -21.69
CA LYS A 509 -12.64 -1.20 -21.04
C LYS A 509 -12.93 -1.37 -19.55
N LEU A 510 -13.29 -0.28 -18.88
CA LEU A 510 -13.63 -0.38 -17.47
C LEU A 510 -14.82 -1.30 -17.26
N ARG A 511 -15.86 -1.14 -18.08
CA ARG A 511 -17.05 -1.98 -17.99
C ARG A 511 -16.69 -3.45 -18.14
N GLU A 512 -15.85 -3.76 -19.15
CA GLU A 512 -15.50 -5.15 -19.43
C GLU A 512 -14.57 -5.71 -18.36
N LEU A 513 -13.61 -4.92 -17.91
CA LEU A 513 -12.71 -5.41 -16.87
C LEU A 513 -13.47 -5.73 -15.59
N ARG A 514 -14.37 -4.83 -15.19
CA ARG A 514 -15.24 -5.10 -14.04
C ARG A 514 -16.00 -6.40 -14.22
N LYS A 515 -16.50 -6.67 -15.43
CA LYS A 515 -17.11 -7.97 -15.68
C LYS A 515 -16.06 -9.09 -15.62
N GLN A 516 -14.89 -8.86 -16.23
CA GLN A 516 -13.86 -9.89 -16.31
C GLN A 516 -13.44 -10.36 -14.91
N VAL A 517 -13.36 -9.44 -13.95
CA VAL A 517 -12.91 -9.81 -12.61
C VAL A 517 -14.07 -10.18 -11.69
N GLY A 518 -15.31 -10.05 -12.14
CA GLY A 518 -16.45 -10.47 -11.35
C GLY A 518 -16.93 -9.49 -10.31
N ASP A 519 -16.59 -8.22 -10.45
CA ASP A 519 -16.96 -7.18 -9.48
C ASP A 519 -18.21 -6.44 -9.92
N THR A 520 -19.31 -7.17 -10.02
CA THR A 520 -20.50 -6.66 -10.70
C THR A 520 -21.63 -6.32 -9.74
N ASP A 521 -21.40 -6.39 -8.43
CA ASP A 521 -22.27 -5.77 -7.44
C ASP A 521 -23.67 -6.38 -7.37
N GLU A 522 -23.87 -7.64 -7.75
CA GLU A 522 -25.19 -8.24 -7.52
C GLU A 522 -25.60 -8.20 -6.06
N ALA A 523 -24.63 -8.23 -5.14
CA ALA A 523 -24.98 -8.18 -3.72
C ALA A 523 -25.30 -6.78 -3.23
N TYR A 524 -25.06 -5.75 -4.03
CA TYR A 524 -25.21 -4.35 -3.59
C TYR A 524 -25.99 -3.58 -4.66
N PRO A 525 -27.27 -3.87 -4.82
CA PRO A 525 -28.03 -3.31 -5.95
C PRO A 525 -28.06 -1.78 -5.99
N GLU A 526 -28.03 -1.11 -4.82
CA GLU A 526 -27.84 0.35 -4.77
C GLU A 526 -26.62 0.75 -5.60
N LEU A 527 -25.48 0.09 -5.33
CA LEU A 527 -24.22 0.41 -6.01
C LEU A 527 -24.25 -0.05 -7.46
N LYS A 528 -24.80 -1.24 -7.73
CA LYS A 528 -24.85 -1.74 -9.09
C LYS A 528 -25.60 -0.79 -10.01
N LYS A 529 -26.73 -0.27 -9.54
CA LYS A 529 -27.51 0.65 -10.37
C LYS A 529 -26.70 1.90 -10.71
N VAL A 530 -25.99 2.46 -9.74
CA VAL A 530 -25.23 3.69 -9.97
C VAL A 530 -24.10 3.44 -10.95
N ILE A 531 -23.31 2.39 -10.73
CA ILE A 531 -22.14 2.13 -11.57
C ILE A 531 -22.56 1.69 -12.96
N ASP A 532 -23.55 0.79 -13.06
CA ASP A 532 -24.02 0.37 -14.37
C ASP A 532 -24.52 1.56 -15.17
N LYS A 533 -25.24 2.49 -14.52
CA LYS A 533 -25.76 3.66 -15.22
C LYS A 533 -24.64 4.57 -15.72
N ALA A 534 -23.61 4.78 -14.90
CA ALA A 534 -22.51 5.65 -15.30
C ALA A 534 -21.73 5.07 -16.47
N LEU A 535 -21.64 3.75 -16.57
CA LEU A 535 -20.88 3.12 -17.64
C LEU A 535 -21.73 2.90 -18.89
N ARG A 536 -22.61 3.86 -19.17
CA ARG A 536 -23.60 3.86 -20.26
C ARG A 536 -24.76 2.92 -19.94
#